data_1F5L
#
_entry.id   1F5L
#
_cell.length_a   52.800
_cell.length_b   54.600
_cell.length_c   82.920
_cell.angle_alpha   90.00
_cell.angle_beta   90.00
_cell.angle_gamma   90.00
#
_symmetry.space_group_name_H-M   'P 21 21 21'
#
loop_
_entity.id
_entity.type
_entity.pdbx_description
1 polymer 'UROKINASE-TYPE PLASMINOGEN ACTIVATOR'
2 non-polymer 'SULFATE ION'
3 non-polymer 3,5-DIAMINO-N-(AMINOIMINOMETHYL)-6-CHLOROPYRAZINECARBOXAMIDE
4 water water
#
_entity_poly.entity_id   1
_entity_poly.type   'polypeptide(L)'
_entity_poly.pdbx_seq_one_letter_code
;IIGGEFTTIENQPWFAAIYRRHRGGSVTYVCGGSLISPCWVISATHCFIDYPKKEDYIVYLGRSRLNSNTQGEMKFEVEN
LILHKDYSADTLAHHNDIALLKIRSKEGRCAQPSRTIQTISLPSMYNDPQFGTSCEITGFGKENSTDYLYPEQLKMTVVK
LISHRECQQPHYYGSEVTTKMLCAADPQWKTDSCQGDSGGPLVCSLQGRMTLTGIVSWGRGCALKDKPGVYTRVSHFLPW
IRSHTKEENGLAL
;
_entity_poly.pdbx_strand_id   A
#
loop_
_chem_comp.id
_chem_comp.type
_chem_comp.name
_chem_comp.formula
AMR non-polymer 3,5-DIAMINO-N-(AMINOIMINOMETHYL)-6-CHLOROPYRAZINECARBOXAMIDE 'C6 H8 Cl N7 O'
SO4 non-polymer 'SULFATE ION' 'O4 S -2'
#
# COMPACT_ATOMS: atom_id res chain seq x y z
N ILE A 1 -10.01 2.28 -4.88
CA ILE A 1 -10.79 2.77 -3.71
C ILE A 1 -12.28 2.92 -4.08
N ILE A 2 -13.14 2.17 -3.39
CA ILE A 2 -14.58 2.27 -3.61
C ILE A 2 -15.02 3.47 -2.78
N GLY A 3 -15.81 4.35 -3.36
CA GLY A 3 -16.27 5.54 -2.65
C GLY A 3 -15.11 6.47 -2.39
N GLY A 4 -15.18 7.23 -1.29
CA GLY A 4 -14.10 8.15 -0.97
C GLY A 4 -14.07 9.34 -1.89
N GLU A 5 -12.92 10.01 -1.97
CA GLU A 5 -12.80 11.19 -2.81
C GLU A 5 -11.51 11.24 -3.61
N PHE A 6 -11.53 12.02 -4.69
CA PHE A 6 -10.36 12.22 -5.52
C PHE A 6 -9.48 13.18 -4.74
N THR A 7 -8.17 12.98 -4.81
CA THR A 7 -7.24 13.82 -4.08
C THR A 7 -6.01 14.10 -4.94
N THR A 8 -5.04 14.82 -4.38
CA THR A 8 -3.81 15.13 -5.11
C THR A 8 -2.63 14.61 -4.32
N ILE A 9 -1.50 14.44 -4.99
CA ILE A 9 -0.31 13.94 -4.34
C ILE A 9 0.18 14.84 -3.19
N GLU A 10 -0.18 16.13 -3.24
CA GLU A 10 0.21 17.07 -2.18
C GLU A 10 -0.38 16.65 -0.84
N ASN A 11 -1.50 15.94 -0.89
CA ASN A 11 -2.17 15.47 0.31
C ASN A 11 -1.68 14.10 0.75
N GLN A 12 -0.92 13.42 -0.11
CA GLN A 12 -0.38 12.08 0.19
C GLN A 12 1.04 12.02 -0.37
N PRO A 13 1.92 12.95 0.04
CA PRO A 13 3.32 13.02 -0.43
C PRO A 13 4.21 11.79 -0.35
N TRP A 14 3.86 10.85 0.51
CA TRP A 14 4.63 9.61 0.66
C TRP A 14 4.19 8.51 -0.31
N PHE A 15 3.11 8.75 -1.06
CA PHE A 15 2.60 7.75 -2.00
C PHE A 15 3.46 7.50 -3.24
N ALA A 16 3.77 6.23 -3.48
CA ALA A 16 4.57 5.82 -4.62
C ALA A 16 3.75 4.97 -5.58
N ALA A 17 3.79 5.34 -6.87
CA ALA A 17 3.09 4.61 -7.93
C ALA A 17 4.11 3.67 -8.60
N ILE A 18 3.86 2.37 -8.56
CA ILE A 18 4.76 1.38 -9.15
C ILE A 18 4.20 0.77 -10.43
N TYR A 19 4.98 0.89 -11.51
CA TYR A 19 4.58 0.38 -12.83
C TYR A 19 5.55 -0.69 -13.32
N ARG A 20 5.08 -1.52 -14.26
CA ARG A 20 5.93 -2.56 -14.85
C ARG A 20 6.07 -2.32 -16.35
N ARG A 21 7.31 -2.42 -16.84
CA ARG A 21 7.61 -2.24 -18.25
C ARG A 21 7.32 -3.50 -19.03
N HIS A 22 6.76 -3.34 -20.23
CA HIS A 22 6.45 -4.47 -21.08
C HIS A 22 7.22 -4.40 -22.40
N ARG A 23 7.18 -5.51 -23.13
CA ARG A 23 7.86 -5.63 -24.41
C ARG A 23 7.07 -4.79 -25.43
N GLY A 24 7.74 -3.80 -26.03
CA GLY A 24 7.08 -2.95 -26.99
C GLY A 24 7.02 -1.50 -26.57
N GLY A 25 6.89 -1.28 -25.26
CA GLY A 25 6.83 0.08 -24.74
C GLY A 25 5.60 0.37 -23.90
N SER A 26 4.72 -0.62 -23.76
CA SER A 26 3.50 -0.45 -22.98
C SER A 26 3.74 -0.67 -21.48
N VAL A 27 3.54 0.40 -20.70
CA VAL A 27 3.71 0.34 -19.26
C VAL A 27 2.35 0.20 -18.57
N THR A 28 2.27 -0.66 -17.56
CA THR A 28 1.03 -0.86 -16.82
C THR A 28 1.23 -0.68 -15.31
N TYR A 29 0.19 -0.20 -14.64
CA TYR A 29 0.24 0.01 -13.20
C TYR A 29 0.22 -1.34 -12.51
N VAL A 30 1.02 -1.48 -11.46
CA VAL A 30 1.12 -2.73 -10.71
C VAL A 30 0.51 -2.60 -9.31
N CYS A 31 1.10 -1.72 -8.50
CA CYS A 31 0.64 -1.53 -7.13
C CYS A 31 1.06 -0.19 -6.55
N GLY A 32 0.58 0.10 -5.35
CA GLY A 32 0.95 1.32 -4.65
C GLY A 32 2.15 1.02 -3.77
N GLY A 33 2.65 2.03 -3.08
CA GLY A 33 3.79 1.88 -2.20
C GLY A 33 3.95 3.11 -1.34
N SER A 34 4.90 3.08 -0.39
CA SER A 34 5.14 4.21 0.50
C SER A 34 6.62 4.48 0.67
N LEU A 35 7.01 5.75 0.63
CA LEU A 35 8.40 6.15 0.79
C LEU A 35 8.73 6.22 2.29
N ILE A 36 9.52 5.27 2.79
CA ILE A 36 9.85 5.29 4.21
C ILE A 36 11.17 6.00 4.51
N SER A 37 11.97 6.21 3.46
CA SER A 37 13.24 6.91 3.55
C SER A 37 13.56 7.35 2.11
N PRO A 38 14.50 8.29 1.92
CA PRO A 38 14.83 8.74 0.58
C PRO A 38 15.14 7.65 -0.43
N CYS A 39 15.78 6.57 0.01
CA CYS A 39 16.14 5.49 -0.91
C CYS A 39 15.25 4.25 -0.83
N TRP A 40 14.25 4.26 0.07
CA TRP A 40 13.41 3.09 0.24
C TRP A 40 11.90 3.23 0.13
N VAL A 41 11.31 2.34 -0.65
CA VAL A 41 9.86 2.28 -0.82
C VAL A 41 9.40 0.95 -0.27
N ILE A 42 8.35 0.96 0.53
CA ILE A 42 7.84 -0.29 1.08
C ILE A 42 6.52 -0.61 0.39
N SER A 43 6.33 -1.87 0.03
CA SER A 43 5.11 -2.31 -0.64
C SER A 43 4.77 -3.74 -0.22
N ALA A 44 4.05 -4.47 -1.06
CA ALA A 44 3.66 -5.85 -0.76
C ALA A 44 4.34 -6.83 -1.71
N THR A 45 4.81 -7.95 -1.18
CA THR A 45 5.48 -8.99 -1.99
C THR A 45 4.59 -9.59 -3.10
N HIS A 46 3.28 -9.76 -2.84
CA HIS A 46 2.40 -10.38 -3.84
C HIS A 46 2.33 -9.61 -5.16
N CYS A 47 2.73 -8.34 -5.12
CA CYS A 47 2.74 -7.47 -6.29
C CYS A 47 3.83 -7.87 -7.28
N PHE A 48 4.93 -8.43 -6.76
CA PHE A 48 6.08 -8.77 -7.57
C PHE A 48 6.51 -10.24 -7.64
N ILE A 49 5.94 -11.08 -6.78
CA ILE A 49 6.30 -12.49 -6.70
C ILE A 49 6.36 -13.26 -8.02
N ASP A 50 5.48 -12.92 -8.97
CA ASP A 50 5.47 -13.61 -10.27
C ASP A 50 6.53 -13.10 -11.25
N TYR A 51 6.98 -11.86 -11.07
CA TYR A 51 7.99 -11.27 -11.94
C TYR A 51 9.02 -10.57 -11.05
N PRO A 52 9.94 -11.34 -10.46
CA PRO A 52 10.98 -10.81 -9.56
C PRO A 52 12.11 -10.00 -10.23
N LYS A 53 11.93 -9.63 -11.50
CA LYS A 53 12.94 -8.84 -12.22
C LYS A 53 12.87 -7.36 -11.88
N LYS A 54 13.85 -6.87 -11.11
CA LYS A 54 13.89 -5.46 -10.71
C LYS A 54 13.97 -4.49 -11.89
N GLU A 55 14.64 -4.90 -12.96
CA GLU A 55 14.81 -4.07 -14.15
C GLU A 55 13.49 -3.69 -14.84
N ASP A 56 12.46 -4.51 -14.67
CA ASP A 56 11.17 -4.23 -15.31
C ASP A 56 10.26 -3.26 -14.57
N TYR A 57 10.69 -2.75 -13.42
CA TYR A 57 9.86 -1.83 -12.66
C TYR A 57 10.27 -0.38 -12.70
N ILE A 58 9.26 0.50 -12.64
CA ILE A 58 9.43 1.94 -12.63
C ILE A 58 8.62 2.47 -11.43
N VAL A 59 9.26 3.24 -10.57
CA VAL A 59 8.59 3.82 -9.41
C VAL A 59 8.46 5.33 -9.64
N TYR A 60 7.26 5.85 -9.44
CA TYR A 60 7.01 7.29 -9.59
C TYR A 60 6.66 7.89 -8.25
N LEU A 61 7.24 9.05 -7.94
CA LEU A 61 6.96 9.78 -6.71
C LEU A 61 6.48 11.16 -7.13
N GLY A 62 5.56 11.73 -6.37
CA GLY A 62 5.01 13.04 -6.67
C GLY A 62 4.05 13.02 -7.83
N ARG A 63 3.44 11.87 -8.09
CA ARG A 63 2.50 11.71 -9.20
C ARG A 63 1.05 11.60 -8.75
N SER A 64 0.19 12.45 -9.31
CA SER A 64 -1.23 12.47 -8.97
C SER A 64 -2.14 11.74 -9.96
N ARG A 65 -1.66 11.55 -11.18
CA ARG A 65 -2.46 10.89 -12.22
C ARG A 65 -1.81 9.62 -12.77
N LEU A 66 -2.65 8.66 -13.11
CA LEU A 66 -2.23 7.36 -13.61
C LEU A 66 -1.45 7.33 -14.91
N ASN A 67 -1.99 7.96 -15.94
CA ASN A 67 -1.36 7.94 -17.27
C ASN A 67 -0.86 9.27 -17.80
N SER A 68 -0.71 10.26 -16.93
CA SER A 68 -0.20 11.55 -17.35
C SER A 68 0.83 12.05 -16.34
N ASN A 69 1.65 12.98 -16.78
CA ASN A 69 2.70 13.54 -15.93
C ASN A 69 2.20 14.65 -15.00
N THR A 70 2.79 14.73 -13.82
CA THR A 70 2.44 15.74 -12.83
C THR A 70 3.69 16.58 -12.60
N GLN A 71 3.52 17.90 -12.49
CA GLN A 71 4.62 18.82 -12.27
C GLN A 71 5.33 18.51 -10.95
N GLY A 72 6.65 18.32 -11.01
CA GLY A 72 7.41 18.02 -9.81
C GLY A 72 7.60 16.53 -9.51
N GLU A 73 7.02 15.68 -10.35
CA GLU A 73 7.14 14.23 -10.17
C GLU A 73 8.58 13.78 -10.44
N MET A 74 8.94 12.62 -9.87
CA MET A 74 10.26 12.05 -10.05
C MET A 74 10.17 10.57 -10.42
N LYS A 75 10.93 10.17 -11.43
CA LYS A 75 10.97 8.80 -11.92
C LYS A 75 12.18 8.05 -11.37
N PHE A 76 11.99 6.80 -10.97
CA PHE A 76 13.09 5.99 -10.42
C PHE A 76 13.10 4.56 -10.92
N GLU A 77 14.30 3.99 -10.98
CA GLU A 77 14.50 2.59 -11.37
C GLU A 77 14.62 1.90 -10.02
N VAL A 78 14.58 0.57 -10.02
CA VAL A 78 14.69 -0.19 -8.78
C VAL A 78 16.08 -0.82 -8.69
N GLU A 79 16.84 -0.42 -7.69
CA GLU A 79 18.20 -0.93 -7.48
C GLU A 79 18.22 -2.29 -6.81
N ASN A 80 17.28 -2.52 -5.90
CA ASN A 80 17.18 -3.79 -5.21
C ASN A 80 15.74 -4.09 -4.82
N LEU A 81 15.26 -5.26 -5.23
CA LEU A 81 13.90 -5.71 -4.96
C LEU A 81 13.98 -6.81 -3.91
N ILE A 82 13.64 -6.47 -2.67
CA ILE A 82 13.68 -7.40 -1.56
C ILE A 82 12.31 -7.93 -1.19
N LEU A 83 12.05 -9.20 -1.50
CA LEU A 83 10.78 -9.86 -1.19
C LEU A 83 10.94 -10.70 0.08
N HIS A 84 9.87 -10.85 0.85
CA HIS A 84 9.96 -11.62 2.08
C HIS A 84 10.06 -13.12 1.79
N LYS A 85 11.03 -13.76 2.43
CA LYS A 85 11.31 -15.18 2.26
C LYS A 85 10.15 -16.12 2.59
N ASP A 86 9.46 -15.87 3.69
CA ASP A 86 8.36 -16.74 4.10
C ASP A 86 7.00 -16.35 3.54
N TYR A 87 6.99 -15.65 2.41
CA TYR A 87 5.72 -15.26 1.79
C TYR A 87 4.99 -16.48 1.26
N SER A 88 3.67 -16.51 1.48
CA SER A 88 2.83 -17.59 0.99
C SER A 88 1.41 -17.06 0.85
N ALA A 89 0.63 -17.66 -0.04
CA ALA A 89 -0.74 -17.24 -0.25
C ALA A 89 -1.71 -18.41 -0.21
N ASP A 90 -2.72 -18.31 0.66
CA ASP A 90 -3.74 -19.34 0.80
C ASP A 90 -4.93 -18.98 -0.10
N THR A 91 -6.09 -19.54 0.21
CA THR A 91 -7.30 -19.27 -0.58
C THR A 91 -7.53 -17.77 -0.75
N LEU A 92 -7.55 -17.04 0.36
CA LEU A 92 -7.76 -15.60 0.36
C LEU A 92 -6.56 -14.86 0.93
N ALA A 93 -6.13 -15.32 2.10
CA ALA A 93 -5.02 -14.72 2.85
C ALA A 93 -3.62 -14.77 2.25
N HIS A 94 -2.91 -13.65 2.40
CA HIS A 94 -1.53 -13.53 1.94
C HIS A 94 -0.72 -13.36 3.22
N HIS A 95 0.33 -14.17 3.35
CA HIS A 95 1.18 -14.12 4.53
C HIS A 95 2.51 -13.43 4.26
N ASN A 96 3.02 -12.70 5.25
CA ASN A 96 4.28 -11.98 5.15
C ASN A 96 4.32 -11.17 3.85
N ASP A 97 3.20 -10.54 3.56
CA ASP A 97 3.02 -9.72 2.37
C ASP A 97 3.68 -8.36 2.55
N ILE A 98 5.00 -8.33 2.45
CA ILE A 98 5.74 -7.11 2.63
C ILE A 98 6.99 -7.14 1.75
N ALA A 99 7.29 -5.99 1.14
CA ALA A 99 8.44 -5.89 0.25
C ALA A 99 9.13 -4.54 0.32
N LEU A 100 10.44 -4.57 0.08
CA LEU A 100 11.26 -3.38 0.09
C LEU A 100 11.83 -3.13 -1.31
N LEU A 101 11.73 -1.90 -1.78
CA LEU A 101 12.25 -1.53 -3.09
C LEU A 101 13.26 -0.40 -2.98
N LYS A 102 14.53 -0.70 -3.18
CA LYS A 102 15.54 0.35 -3.11
C LYS A 102 15.52 1.07 -4.44
N ILE A 103 15.29 2.38 -4.39
CA ILE A 103 15.20 3.18 -5.61
C ILE A 103 16.41 4.06 -5.92
N ARG A 104 16.55 4.40 -7.19
CA ARG A 104 17.63 5.27 -7.66
C ARG A 104 17.23 5.88 -8.99
N SER A 105 17.51 7.17 -9.15
CA SER A 105 17.21 7.85 -10.40
C SER A 105 18.28 7.47 -11.43
N LYS A 106 18.15 7.97 -12.67
CA LYS A 106 19.14 7.69 -13.71
C LYS A 106 20.52 8.18 -13.25
N GLU A 107 20.53 9.32 -12.56
CA GLU A 107 21.75 9.94 -12.05
C GLU A 107 22.30 9.28 -10.78
N GLY A 108 21.66 8.19 -10.35
CA GLY A 108 22.12 7.48 -9.16
C GLY A 108 21.72 8.08 -7.82
N ARG A 109 20.78 9.02 -7.84
CA ARG A 109 20.33 9.68 -6.61
C ARG A 109 18.99 9.15 -6.10
N CYS A 110 18.76 9.34 -4.81
CA CYS A 110 17.53 8.91 -4.18
C CYS A 110 16.53 10.05 -4.23
N ALA A 111 15.41 9.89 -3.54
CA ALA A 111 14.37 10.90 -3.51
C ALA A 111 14.79 12.17 -2.81
N GLN A 112 14.39 13.30 -3.36
CA GLN A 112 14.68 14.61 -2.79
C GLN A 112 13.34 15.17 -2.34
N PRO A 113 13.17 15.37 -1.02
CA PRO A 113 11.94 15.91 -0.44
C PRO A 113 11.44 17.22 -1.05
N SER A 114 10.13 17.33 -1.20
CA SER A 114 9.49 18.51 -1.75
C SER A 114 8.06 18.54 -1.20
N ARG A 115 7.25 19.47 -1.71
CA ARG A 115 5.88 19.59 -1.25
C ARG A 115 5.06 18.38 -1.66
N THR A 116 5.47 17.73 -2.76
CA THR A 116 4.77 16.56 -3.28
C THR A 116 5.50 15.23 -3.02
N ILE A 117 6.65 15.29 -2.36
CA ILE A 117 7.43 14.08 -2.05
C ILE A 117 7.97 14.14 -0.63
N GLN A 118 7.45 13.27 0.23
CA GLN A 118 7.86 13.19 1.64
C GLN A 118 7.83 11.74 2.13
N THR A 119 8.57 11.47 3.20
CA THR A 119 8.60 10.13 3.77
C THR A 119 7.57 10.01 4.90
N ILE A 120 7.18 8.79 5.25
CA ILE A 120 6.26 8.58 6.38
C ILE A 120 7.02 7.84 7.46
N SER A 121 6.61 8.07 8.70
CA SER A 121 7.24 7.44 9.84
C SER A 121 6.76 6.00 10.03
N LEU A 122 7.69 5.14 10.42
CA LEU A 122 7.38 3.75 10.71
C LEU A 122 6.91 3.74 12.16
N PRO A 123 6.16 2.71 12.58
CA PRO A 123 5.68 2.64 13.97
C PRO A 123 6.78 2.19 14.92
N SER A 124 6.47 2.23 16.22
CA SER A 124 7.41 1.77 17.24
C SER A 124 7.11 0.29 17.41
N MET A 125 8.09 -0.45 17.94
CA MET A 125 7.94 -1.89 18.17
C MET A 125 6.66 -2.22 18.93
N TYR A 126 5.77 -2.98 18.29
CA TYR A 126 4.49 -3.38 18.88
C TYR A 126 3.70 -2.23 19.50
N ASN A 127 3.51 -1.16 18.74
CA ASN A 127 2.78 0.01 19.20
C ASN A 127 1.82 0.49 18.11
N ASP A 128 0.64 -0.12 18.08
CA ASP A 128 -0.40 0.23 17.10
C ASP A 128 -1.52 1.07 17.70
N PRO A 129 -2.32 1.73 16.86
CA PRO A 129 -3.42 2.55 17.38
C PRO A 129 -4.49 1.62 17.94
N GLN A 130 -5.26 2.11 18.90
CA GLN A 130 -6.33 1.29 19.48
C GLN A 130 -7.40 1.07 18.41
N PHE A 131 -8.08 -0.06 18.49
CA PHE A 131 -9.12 -0.37 17.51
C PHE A 131 -10.26 0.64 17.62
N GLY A 132 -10.85 0.97 16.47
CA GLY A 132 -11.90 1.97 16.44
C GLY A 132 -11.33 3.30 15.95
N THR A 133 -10.00 3.34 15.81
CA THR A 133 -9.28 4.53 15.35
C THR A 133 -9.42 4.69 13.84
N SER A 134 -9.71 5.91 13.40
CA SER A 134 -9.85 6.18 11.97
C SER A 134 -8.49 6.32 11.29
N CYS A 135 -8.37 5.72 10.11
CA CYS A 135 -7.13 5.76 9.32
C CYS A 135 -7.49 5.99 7.86
N GLU A 136 -6.52 6.44 7.07
CA GLU A 136 -6.78 6.68 5.66
C GLU A 136 -5.97 5.74 4.76
N ILE A 137 -6.51 5.48 3.57
CA ILE A 137 -5.85 4.65 2.58
C ILE A 137 -5.88 5.44 1.29
N THR A 138 -4.93 5.17 0.42
CA THR A 138 -4.82 5.89 -0.85
C THR A 138 -4.44 4.90 -1.94
N GLY A 139 -4.86 5.19 -3.17
CA GLY A 139 -4.51 4.31 -4.27
C GLY A 139 -5.19 4.63 -5.59
N PHE A 140 -4.70 3.99 -6.64
CA PHE A 140 -5.24 4.16 -8.00
C PHE A 140 -6.11 2.95 -8.34
N GLY A 141 -6.51 2.19 -7.31
CA GLY A 141 -7.32 1.00 -7.51
C GLY A 141 -8.73 1.24 -8.03
N LYS A 142 -9.44 0.14 -8.29
CA LYS A 142 -10.81 0.18 -8.81
C LYS A 142 -11.81 0.95 -7.96
N GLU A 143 -12.75 1.61 -8.65
CA GLU A 143 -13.81 2.39 -8.00
C GLU A 143 -15.05 1.52 -7.79
N ASN A 144 -15.16 0.46 -8.57
CA ASN A 144 -16.27 -0.48 -8.49
C ASN A 144 -15.74 -1.85 -8.87
N SER A 145 -16.39 -2.90 -8.38
CA SER A 145 -15.97 -4.26 -8.68
C SER A 145 -16.14 -4.58 -10.16
N THR A 146 -17.12 -3.94 -10.80
CA THR A 146 -17.39 -4.21 -12.21
C THR A 146 -16.48 -3.48 -13.21
N ASP A 147 -15.66 -2.55 -12.73
CA ASP A 147 -14.75 -1.83 -13.63
C ASP A 147 -13.56 -2.69 -14.05
N TYR A 148 -13.07 -2.47 -15.27
CA TYR A 148 -11.91 -3.20 -15.78
C TYR A 148 -10.73 -2.24 -15.95
N LEU A 149 -11.01 -0.95 -15.78
CA LEU A 149 -10.00 0.11 -15.88
C LEU A 149 -9.86 0.81 -14.51
N TYR A 150 -8.69 1.39 -14.27
CA TYR A 150 -8.42 2.11 -13.02
C TYR A 150 -8.69 3.60 -13.19
N PRO A 151 -9.07 4.30 -12.11
CA PRO A 151 -9.34 5.74 -12.19
C PRO A 151 -8.09 6.48 -12.62
N GLU A 152 -8.27 7.55 -13.38
CA GLU A 152 -7.16 8.34 -13.87
C GLU A 152 -6.56 9.23 -12.76
N GLN A 153 -7.39 9.61 -11.79
CA GLN A 153 -6.97 10.46 -10.69
C GLN A 153 -6.85 9.67 -9.38
N LEU A 154 -5.82 9.98 -8.58
CA LEU A 154 -5.59 9.32 -7.30
C LEU A 154 -6.79 9.53 -6.36
N LYS A 155 -7.07 8.53 -5.52
CA LYS A 155 -8.18 8.64 -4.57
C LYS A 155 -7.75 8.29 -3.15
N MET A 156 -8.61 8.60 -2.19
CA MET A 156 -8.37 8.31 -0.78
C MET A 156 -9.69 8.17 -0.06
N THR A 157 -9.66 7.47 1.08
CA THR A 157 -10.83 7.30 1.89
C THR A 157 -10.41 7.02 3.31
N VAL A 158 -11.37 7.09 4.22
CA VAL A 158 -11.12 6.86 5.63
C VAL A 158 -11.87 5.62 6.08
N VAL A 159 -11.16 4.74 6.78
CA VAL A 159 -11.73 3.50 7.29
C VAL A 159 -11.38 3.39 8.78
N LYS A 160 -12.06 2.49 9.48
CA LYS A 160 -11.81 2.30 10.91
C LYS A 160 -11.17 0.95 11.21
N LEU A 161 -10.16 0.97 12.07
CA LEU A 161 -9.46 -0.25 12.48
C LEU A 161 -10.40 -1.17 13.28
N ILE A 162 -10.39 -2.45 12.91
CA ILE A 162 -11.22 -3.47 13.55
C ILE A 162 -10.35 -4.41 14.37
N SER A 163 -10.82 -4.77 15.57
CA SER A 163 -10.06 -5.67 16.43
C SER A 163 -9.85 -7.05 15.80
N HIS A 164 -8.80 -7.72 16.22
CA HIS A 164 -8.49 -9.05 15.72
C HIS A 164 -9.64 -10.01 16.07
N ARG A 165 -10.20 -9.88 17.26
CA ARG A 165 -11.31 -10.74 17.71
C ARG A 165 -12.52 -10.61 16.78
N GLU A 166 -12.85 -9.39 16.39
CA GLU A 166 -13.99 -9.16 15.50
C GLU A 166 -13.71 -9.71 14.12
N CYS A 167 -12.49 -9.53 13.64
CA CYS A 167 -12.11 -10.02 12.32
C CYS A 167 -11.99 -11.54 12.25
N GLN A 168 -11.81 -12.17 13.40
CA GLN A 168 -11.69 -13.63 13.46
C GLN A 168 -13.04 -14.33 13.65
N GLN A 169 -14.14 -13.57 13.60
CA GLN A 169 -15.46 -14.16 13.75
C GLN A 169 -15.72 -15.01 12.51
N PRO A 170 -16.60 -16.03 12.62
CA PRO A 170 -16.94 -16.92 11.51
C PRO A 170 -17.44 -16.22 10.24
N HIS A 171 -18.31 -15.23 10.41
CA HIS A 171 -18.87 -14.51 9.27
C HIS A 171 -17.89 -13.51 8.65
N TYR A 172 -16.80 -13.24 9.34
CA TYR A 172 -15.77 -12.34 8.83
C TYR A 172 -14.72 -13.19 8.09
N TYR A 173 -13.57 -13.41 8.71
CA TYR A 173 -12.52 -14.21 8.07
C TYR A 173 -12.09 -15.44 8.86
N GLY A 174 -12.60 -15.59 10.07
CA GLY A 174 -12.24 -16.74 10.88
C GLY A 174 -10.77 -16.76 11.25
N SER A 175 -10.18 -17.96 11.32
CA SER A 175 -8.77 -18.12 11.66
C SER A 175 -7.78 -17.80 10.53
N GLU A 176 -8.29 -17.30 9.41
CA GLU A 176 -7.43 -16.95 8.28
C GLU A 176 -6.62 -15.68 8.54
N VAL A 177 -7.18 -14.76 9.34
CA VAL A 177 -6.46 -13.54 9.69
C VAL A 177 -5.64 -13.83 10.95
N THR A 178 -4.39 -13.39 10.96
CA THR A 178 -3.50 -13.64 12.08
C THR A 178 -3.11 -12.36 12.80
N THR A 179 -2.29 -12.48 13.84
CA THR A 179 -1.87 -11.31 14.60
C THR A 179 -0.87 -10.45 13.82
N LYS A 180 -0.36 -10.97 12.71
CA LYS A 180 0.56 -10.24 11.86
C LYS A 180 -0.22 -9.41 10.84
N MET A 181 -1.55 -9.42 10.95
CA MET A 181 -2.40 -8.67 10.03
C MET A 181 -3.35 -7.74 10.78
N LEU A 182 -3.86 -6.74 10.08
CA LEU A 182 -4.79 -5.78 10.64
C LEU A 182 -6.01 -5.67 9.73
N CYS A 183 -7.18 -5.56 10.34
CA CYS A 183 -8.41 -5.41 9.59
C CYS A 183 -8.89 -3.98 9.73
N ALA A 184 -9.54 -3.48 8.68
CA ALA A 184 -10.04 -2.12 8.66
C ALA A 184 -11.17 -2.03 7.65
N ALA A 185 -12.20 -1.26 7.99
CA ALA A 185 -13.34 -1.11 7.12
C ALA A 185 -14.21 0.07 7.55
N ASP A 186 -15.18 0.38 6.70
CA ASP A 186 -16.14 1.43 6.96
C ASP A 186 -17.26 0.76 7.73
N PRO A 187 -17.66 1.33 8.88
CA PRO A 187 -18.74 0.74 9.67
C PRO A 187 -20.04 0.52 8.88
N GLN A 188 -20.20 1.28 7.80
CA GLN A 188 -21.37 1.19 6.93
C GLN A 188 -21.13 0.39 5.64
N TRP A 189 -19.92 -0.14 5.48
CA TRP A 189 -19.55 -0.95 4.30
C TRP A 189 -19.75 -0.25 2.95
N LYS A 190 -19.50 1.05 2.92
CA LYS A 190 -19.67 1.85 1.70
C LYS A 190 -18.35 2.12 0.99
N THR A 191 -17.29 2.33 1.77
CA THR A 191 -15.99 2.63 1.19
C THR A 191 -14.95 1.58 1.58
N ASP A 192 -13.97 1.34 0.71
CA ASP A 192 -12.97 0.31 0.97
C ASP A 192 -11.88 0.33 -0.11
N SER A 193 -10.77 -0.34 0.16
CA SER A 193 -9.70 -0.47 -0.83
C SER A 193 -10.17 -1.61 -1.76
N CYS A 194 -9.60 -1.68 -2.96
CA CYS A 194 -9.99 -2.71 -3.92
C CYS A 194 -8.78 -3.16 -4.76
N GLN A 195 -9.02 -4.00 -5.76
CA GLN A 195 -7.94 -4.46 -6.64
C GLN A 195 -7.24 -3.24 -7.23
N GLY A 196 -5.91 -3.22 -7.14
CA GLY A 196 -5.15 -2.09 -7.65
C GLY A 196 -4.58 -1.23 -6.52
N ASP A 197 -5.25 -1.25 -5.36
CA ASP A 197 -4.81 -0.49 -4.21
C ASP A 197 -3.73 -1.22 -3.40
N SER A 198 -3.53 -2.50 -3.71
CA SER A 198 -2.53 -3.32 -3.03
C SER A 198 -1.15 -2.68 -2.95
N GLY A 199 -0.48 -2.88 -1.82
CA GLY A 199 0.84 -2.31 -1.63
C GLY A 199 0.81 -0.90 -1.09
N GLY A 200 -0.35 -0.25 -1.21
CA GLY A 200 -0.52 1.12 -0.74
C GLY A 200 -0.53 1.23 0.77
N PRO A 201 -0.50 2.47 1.31
CA PRO A 201 -0.49 2.68 2.76
C PRO A 201 -1.81 2.80 3.50
N LEU A 202 -1.77 2.37 4.76
CA LEU A 202 -2.89 2.48 5.69
C LEU A 202 -2.22 3.41 6.69
N VAL A 203 -2.58 4.69 6.62
CA VAL A 203 -1.99 5.70 7.47
C VAL A 203 -2.89 6.07 8.65
N CYS A 204 -2.30 6.08 9.85
CA CYS A 204 -3.04 6.42 11.06
C CYS A 204 -2.29 7.47 11.84
N SER A 205 -3.03 8.44 12.38
CA SER A 205 -2.43 9.49 13.18
C SER A 205 -2.23 8.89 14.57
N LEU A 206 -0.99 8.49 14.84
CA LEU A 206 -0.63 7.88 16.12
C LEU A 206 0.13 8.90 16.96
N GLN A 207 -0.43 9.24 18.12
CA GLN A 207 0.17 10.19 19.05
C GLN A 207 0.61 11.48 18.36
N GLY A 208 -0.30 12.06 17.57
CA GLY A 208 0.01 13.28 16.84
C GLY A 208 1.17 13.10 15.88
N ARG A 209 1.06 12.11 15.00
CA ARG A 209 2.10 11.84 14.01
C ARG A 209 1.57 10.83 12.98
N MET A 210 1.69 11.17 11.70
CA MET A 210 1.25 10.29 10.63
C MET A 210 2.17 9.07 10.64
N THR A 211 1.58 7.89 10.76
CA THR A 211 2.35 6.65 10.84
C THR A 211 1.87 5.57 9.87
N LEU A 212 2.82 4.88 9.25
CA LEU A 212 2.51 3.80 8.31
C LEU A 212 2.16 2.58 9.15
N THR A 213 0.87 2.41 9.42
CA THR A 213 0.41 1.30 10.24
C THR A 213 0.18 0.00 9.47
N GLY A 214 -0.21 0.10 8.21
CA GLY A 214 -0.42 -1.09 7.42
C GLY A 214 -0.21 -0.93 5.93
N ILE A 215 -0.17 -2.07 5.25
CA ILE A 215 0.03 -2.12 3.80
C ILE A 215 -1.15 -2.92 3.25
N VAL A 216 -1.85 -2.37 2.25
CA VAL A 216 -2.99 -3.04 1.64
C VAL A 216 -2.55 -4.41 1.15
N SER A 217 -3.17 -5.47 1.67
CA SER A 217 -2.78 -6.82 1.31
C SER A 217 -3.87 -7.65 0.62
N TRP A 218 -5.01 -7.84 1.29
CA TRP A 218 -6.09 -8.64 0.71
C TRP A 218 -7.48 -8.38 1.27
N GLY A 219 -8.46 -9.06 0.67
CA GLY A 219 -9.85 -8.94 1.08
C GLY A 219 -10.76 -9.69 0.13
N ARG A 220 -11.93 -10.10 0.63
CA ARG A 220 -12.92 -10.81 -0.17
C ARG A 220 -13.76 -9.75 -0.88
N GLY A 221 -13.59 -9.64 -2.18
CA GLY A 221 -14.32 -8.63 -2.93
C GLY A 221 -13.91 -7.24 -2.45
N CYS A 222 -14.76 -6.25 -2.69
CA CYS A 222 -14.49 -4.88 -2.28
C CYS A 222 -15.73 -4.20 -1.71
N ALA A 223 -15.61 -3.70 -0.48
CA ALA A 223 -16.71 -3.03 0.22
C ALA A 223 -17.92 -3.96 0.43
N LEU A 224 -17.63 -5.23 0.67
CA LEU A 224 -18.68 -6.20 0.94
C LEU A 224 -18.91 -6.24 2.46
N LYS A 225 -20.17 -6.35 2.86
CA LYS A 225 -20.55 -6.40 4.27
C LYS A 225 -19.82 -7.53 4.99
N ASP A 226 -19.25 -7.23 6.15
CA ASP A 226 -18.53 -8.19 6.98
C ASP A 226 -17.25 -8.76 6.36
N LYS A 227 -16.75 -8.10 5.31
CA LYS A 227 -15.53 -8.53 4.64
C LYS A 227 -14.57 -7.34 4.60
N PRO A 228 -13.92 -7.04 5.74
CA PRO A 228 -12.98 -5.93 5.85
C PRO A 228 -11.72 -6.07 5.02
N GLY A 229 -11.04 -4.96 4.79
CA GLY A 229 -9.79 -5.01 4.08
C GLY A 229 -8.78 -5.52 5.07
N VAL A 230 -7.82 -6.33 4.60
CA VAL A 230 -6.80 -6.86 5.48
C VAL A 230 -5.47 -6.21 5.10
N TYR A 231 -4.72 -5.79 6.12
CA TYR A 231 -3.46 -5.11 5.90
C TYR A 231 -2.33 -5.78 6.63
N THR A 232 -1.14 -5.68 6.06
CA THR A 232 0.07 -6.23 6.67
C THR A 232 0.40 -5.31 7.85
N ARG A 233 0.57 -5.90 9.03
CA ARG A 233 0.87 -5.17 10.27
C ARG A 233 2.33 -4.76 10.33
N VAL A 234 2.61 -3.54 9.87
CA VAL A 234 3.97 -3.01 9.83
C VAL A 234 4.76 -3.11 11.14
N SER A 235 4.11 -2.90 12.28
CA SER A 235 4.78 -2.95 13.58
C SER A 235 5.43 -4.29 13.93
N HIS A 236 4.92 -5.38 13.35
CA HIS A 236 5.48 -6.71 13.60
C HIS A 236 6.61 -7.08 12.64
N PHE A 237 6.93 -6.18 11.72
CA PHE A 237 8.01 -6.45 10.76
C PHE A 237 9.22 -5.53 10.86
N LEU A 238 9.27 -4.71 11.91
CA LEU A 238 10.38 -3.78 12.13
C LEU A 238 11.77 -4.44 12.09
N PRO A 239 11.94 -5.62 12.71
CA PRO A 239 13.25 -6.27 12.68
C PRO A 239 13.65 -6.59 11.24
N TRP A 240 12.69 -7.11 10.48
CA TRP A 240 12.90 -7.45 9.08
C TRP A 240 13.21 -6.22 8.23
N ILE A 241 12.46 -5.13 8.45
CA ILE A 241 12.67 -3.89 7.72
C ILE A 241 14.07 -3.34 7.99
N ARG A 242 14.44 -3.25 9.27
CA ARG A 242 15.75 -2.74 9.65
C ARG A 242 16.93 -3.58 9.17
N SER A 243 16.80 -4.90 9.24
CA SER A 243 17.89 -5.79 8.81
C SER A 243 18.18 -5.76 7.31
N HIS A 244 17.16 -5.44 6.50
CA HIS A 244 17.32 -5.39 5.06
C HIS A 244 17.66 -4.00 4.51
N THR A 245 17.33 -2.95 5.26
CA THR A 245 17.63 -1.60 4.83
C THR A 245 19.01 -1.15 5.31
S SO4 B . -4.10 -6.79 -6.73
O1 SO4 B . -4.29 -6.56 -8.18
O2 SO4 B . -4.54 -5.60 -6.00
O3 SO4 B . -2.67 -7.05 -6.45
O4 SO4 B . -4.87 -7.97 -6.30
S SO4 C . 1.25 -15.67 9.51
O1 SO4 C . 0.43 -14.87 8.58
O2 SO4 C . 1.08 -15.17 10.88
O3 SO4 C . 2.68 -15.57 9.13
O4 SO4 C . 0.82 -17.08 9.43
N1 AMR D . -9.39 -6.87 -3.07
C1 AMR D . -8.40 -6.30 -2.37
C3 AMR D . -8.80 -5.55 -1.04
N5 AMR D . -10.11 -5.72 -0.59
C6 AMR D . -10.63 -5.07 0.42
N7 AMR D . -9.96 -4.17 1.10
N6 AMR D . -11.86 -5.33 0.75
O1 AMR D . -7.97 -4.84 -0.46
C2 AMR D . -7.08 -6.38 -2.84
N4 AMR D . -6.00 -5.79 -2.16
N3 AMR D . -6.82 -7.04 -4.00
C4 AMR D . -7.82 -7.63 -4.69
N2 AMR D . -7.50 -8.31 -5.90
C5 AMR D . -9.15 -7.54 -4.21
CL1 AMR D . -10.50 -8.25 -5.04
#